data_1OSV
#
_entry.id   1OSV
#
_cell.length_a   98.970
_cell.length_b   108.518
_cell.length_c   69.464
_cell.angle_alpha   90.00
_cell.angle_beta   90.00
_cell.angle_gamma   90.00
#
_symmetry.space_group_name_H-M   'P 21 21 2'
#
loop_
_entity.id
_entity.type
_entity.pdbx_description
1 polymer 'Bile acid receptor'
2 polymer 'Nuclear receptor coactivator 2'
3 non-polymer '6-ETHYL-CHENODEOXYCHOLIC ACID'
4 water water
#
loop_
_entity_poly.entity_id
_entity_poly.type
_entity_poly.pdbx_seq_one_letter_code
_entity_poly.pdbx_strand_id
1 'polypeptide(L)'
;AELTVDQQTLLDYIMDSYSKQRMPQEITNKILKEEFSAEENFLILTEMATSHVQILVEFTKRLPGFQTLDHEDQIALLKG
SAVEAMFLRSAEIFNKKLPAGHADLLEERIRKSGISDEYITPMFSFYKSVGELKMTQEEYALLTAIVILSPDRQYIKDRE
AVEKLQEPLLDVLQKLCKIYQPENPQHFACLLGRLTELRTFNHHHAEMLMSWRVNDHKFTPLLCEIWDVQ
;
A,B
2 'polypeptide(L)' ENALLRYLLDKD C,D,E
#
loop_
_chem_comp.id
_chem_comp.type
_chem_comp.name
_chem_comp.formula
CHC non-polymer '6-ETHYL-CHENODEOXYCHOLIC ACID' 'C26 H44 O4'
#
# COMPACT_ATOMS: atom_id res chain seq x y z
N ALA A 1 -1.05 13.20 26.74
CA ALA A 1 -0.64 11.80 26.43
C ALA A 1 -1.81 10.83 26.62
N GLU A 2 -2.57 10.62 25.56
CA GLU A 2 -3.72 9.73 25.60
C GLU A 2 -3.24 8.29 25.77
N LEU A 3 -3.91 7.36 25.07
CA LEU A 3 -3.57 5.93 25.11
C LEU A 3 -4.49 5.24 26.11
N THR A 4 -5.58 4.67 25.61
CA THR A 4 -6.57 4.00 26.44
C THR A 4 -6.01 2.75 27.12
N VAL A 5 -6.79 2.12 28.00
CA VAL A 5 -6.31 0.92 28.68
C VAL A 5 -6.21 -0.25 27.72
N ASP A 6 -7.18 -0.38 26.84
CA ASP A 6 -7.18 -1.46 25.85
C ASP A 6 -5.92 -1.37 25.00
N GLN A 7 -5.58 -0.14 24.63
CA GLN A 7 -4.42 0.12 23.81
C GLN A 7 -3.12 -0.13 24.56
N GLN A 8 -3.05 0.31 25.81
CA GLN A 8 -1.85 0.13 26.61
C GLN A 8 -1.63 -1.36 26.87
N THR A 9 -2.72 -2.09 27.05
CA THR A 9 -2.64 -3.52 27.31
C THR A 9 -2.05 -4.23 26.09
N LEU A 10 -2.57 -3.90 24.90
CA LEU A 10 -2.07 -4.50 23.67
C LEU A 10 -0.58 -4.16 23.57
N LEU A 11 -0.26 -2.88 23.69
CA LEU A 11 1.13 -2.47 23.61
C LEU A 11 2.05 -3.23 24.59
N ASP A 12 1.64 -3.33 25.85
CA ASP A 12 2.48 -4.02 26.85
C ASP A 12 2.64 -5.48 26.49
N TYR A 13 1.54 -6.10 26.07
CA TYR A 13 1.55 -7.50 25.66
C TYR A 13 2.50 -7.68 24.46
N ILE A 14 2.27 -6.93 23.38
CA ILE A 14 3.10 -7.00 22.18
C ILE A 14 4.55 -6.81 22.55
N MET A 15 4.85 -5.78 23.34
CA MET A 15 6.22 -5.50 23.75
C MET A 15 6.82 -6.69 24.51
N ASP A 16 6.01 -7.28 25.39
CA ASP A 16 6.49 -8.43 26.14
C ASP A 16 6.90 -9.51 25.14
N SER A 17 5.92 -9.92 24.34
CA SER A 17 6.09 -10.96 23.32
C SER A 17 7.22 -10.69 22.34
N TYR A 18 7.44 -9.41 22.04
CA TYR A 18 8.48 -9.00 21.11
C TYR A 18 9.90 -9.31 21.56
N SER A 19 10.16 -9.16 22.85
CA SER A 19 11.49 -9.40 23.37
C SER A 19 11.70 -10.72 24.11
N LYS A 20 10.90 -11.73 23.78
CA LYS A 20 11.02 -13.03 24.44
C LYS A 20 12.12 -13.95 23.90
N GLN A 21 11.88 -14.53 22.73
CA GLN A 21 12.80 -15.48 22.09
C GLN A 21 14.27 -15.03 21.95
N ARG A 22 14.53 -14.00 21.14
CA ARG A 22 15.89 -13.48 20.96
C ARG A 22 16.86 -14.50 20.33
N MET A 23 17.77 -13.99 19.49
CA MET A 23 18.76 -14.84 18.80
C MET A 23 19.70 -15.58 19.73
N PRO A 24 19.95 -16.87 19.45
CA PRO A 24 20.85 -17.71 20.25
C PRO A 24 22.23 -17.08 20.36
N GLN A 25 22.84 -17.15 21.55
CA GLN A 25 24.16 -16.59 21.78
C GLN A 25 25.20 -17.22 20.87
N GLU A 26 25.04 -18.50 20.58
CA GLU A 26 25.98 -19.21 19.72
C GLU A 26 26.07 -18.50 18.37
N ILE A 27 24.95 -18.45 17.66
CA ILE A 27 24.88 -17.81 16.36
C ILE A 27 25.32 -16.35 16.41
N THR A 28 24.97 -15.65 17.49
CA THR A 28 25.30 -14.24 17.66
C THR A 28 26.81 -13.96 17.67
N ASN A 29 27.48 -14.30 18.77
CA ASN A 29 28.92 -14.06 18.88
C ASN A 29 29.72 -14.74 17.77
N LYS A 30 29.00 -15.49 16.93
CA LYS A 30 29.60 -16.20 15.81
C LYS A 30 30.10 -15.21 14.77
N ILE A 31 29.73 -13.94 14.95
CA ILE A 31 30.14 -12.89 14.02
C ILE A 31 31.34 -12.13 14.58
N LEU A 32 31.54 -12.24 15.89
CA LEU A 32 32.66 -11.59 16.55
C LEU A 32 33.84 -12.51 16.32
N LYS A 33 33.81 -13.67 16.99
CA LYS A 33 34.87 -14.66 16.83
C LYS A 33 34.69 -15.19 15.41
N GLU A 34 35.52 -16.15 15.02
CA GLU A 34 35.44 -16.70 13.67
C GLU A 34 35.78 -15.52 12.77
N GLU A 35 36.14 -15.75 11.51
CA GLU A 35 36.50 -14.61 10.68
C GLU A 35 36.11 -14.65 9.22
N PHE A 36 36.16 -13.46 8.61
CA PHE A 36 35.82 -13.21 7.21
C PHE A 36 35.33 -14.34 6.32
N SER A 37 35.90 -14.42 5.11
CA SER A 37 35.51 -15.42 4.12
C SER A 37 34.13 -15.03 3.59
N ALA A 38 34.02 -14.90 2.27
CA ALA A 38 32.75 -14.54 1.67
C ALA A 38 31.81 -15.72 1.90
N GLU A 39 32.36 -16.93 1.90
CA GLU A 39 31.58 -18.14 2.09
C GLU A 39 31.22 -18.37 3.55
N GLU A 40 32.09 -17.93 4.45
CA GLU A 40 31.83 -18.07 5.88
C GLU A 40 30.81 -17.03 6.31
N ASN A 41 30.97 -15.81 5.79
CA ASN A 41 30.04 -14.75 6.11
C ASN A 41 28.70 -15.21 5.56
N PHE A 42 28.70 -15.59 4.28
CA PHE A 42 27.46 -16.06 3.68
C PHE A 42 26.77 -17.11 4.53
N LEU A 43 27.54 -18.00 5.17
CA LEU A 43 26.94 -19.03 6.00
C LEU A 43 26.39 -18.49 7.31
N ILE A 44 27.11 -17.58 7.94
CA ILE A 44 26.68 -16.97 9.20
C ILE A 44 25.37 -16.24 8.95
N LEU A 45 25.44 -15.24 8.08
CA LEU A 45 24.30 -14.42 7.70
C LEU A 45 23.09 -15.28 7.39
N THR A 46 23.32 -16.37 6.66
CA THR A 46 22.22 -17.26 6.29
C THR A 46 21.77 -18.07 7.51
N GLU A 47 22.68 -18.32 8.44
CA GLU A 47 22.34 -19.08 9.64
C GLU A 47 21.42 -18.24 10.54
N MET A 48 21.74 -16.96 10.67
CA MET A 48 20.93 -16.06 11.49
C MET A 48 19.55 -15.92 10.88
N ALA A 49 19.51 -15.58 9.60
CA ALA A 49 18.23 -15.40 8.93
C ALA A 49 17.35 -16.61 9.16
N THR A 50 17.93 -17.80 9.15
CA THR A 50 17.14 -19.00 9.38
C THR A 50 16.62 -18.97 10.80
N SER A 51 17.44 -18.39 11.69
CA SER A 51 17.07 -18.26 13.08
C SER A 51 15.90 -17.28 13.11
N HIS A 52 16.17 -16.05 12.73
CA HIS A 52 15.16 -14.99 12.71
C HIS A 52 13.79 -15.54 12.31
N VAL A 53 13.74 -16.30 11.23
CA VAL A 53 12.47 -16.85 10.79
C VAL A 53 11.78 -17.66 11.88
N GLN A 54 12.55 -18.50 12.57
CA GLN A 54 12.03 -19.33 13.65
C GLN A 54 11.44 -18.46 14.77
N ILE A 55 12.21 -17.46 15.20
CA ILE A 55 11.78 -16.54 16.23
C ILE A 55 10.50 -15.86 15.76
N LEU A 56 10.49 -15.45 14.49
CA LEU A 56 9.34 -14.77 13.91
C LEU A 56 8.05 -15.57 13.95
N VAL A 57 8.13 -16.86 13.69
CA VAL A 57 6.92 -17.69 13.69
C VAL A 57 6.36 -17.81 15.10
N GLU A 58 7.24 -17.77 16.09
CA GLU A 58 6.81 -17.86 17.47
C GLU A 58 6.15 -16.55 17.90
N PHE A 59 6.77 -15.44 17.56
CA PHE A 59 6.21 -14.14 17.88
C PHE A 59 4.79 -14.03 17.32
N THR A 60 4.63 -14.29 16.02
CA THR A 60 3.30 -14.18 15.44
C THR A 60 2.32 -15.23 15.92
N LYS A 61 2.82 -16.34 16.48
CA LYS A 61 1.92 -17.37 16.95
C LYS A 61 1.22 -16.90 18.22
N ARG A 62 1.83 -15.95 18.94
CA ARG A 62 1.20 -15.46 20.15
C ARG A 62 0.74 -14.01 20.02
N LEU A 63 0.36 -13.61 18.81
CA LEU A 63 -0.12 -12.25 18.52
C LEU A 63 -1.64 -12.40 18.71
N PRO A 64 -2.25 -11.51 19.49
CA PRO A 64 -3.69 -11.60 19.72
C PRO A 64 -4.61 -11.91 18.56
N GLY A 65 -5.26 -13.06 18.65
CA GLY A 65 -6.20 -13.49 17.62
C GLY A 65 -5.61 -14.41 16.56
N PHE A 66 -4.29 -14.37 16.38
CA PHE A 66 -3.67 -15.18 15.34
C PHE A 66 -4.12 -16.62 15.20
N GLN A 67 -4.02 -17.42 16.25
CA GLN A 67 -4.46 -18.82 16.17
C GLN A 67 -5.95 -18.95 15.84
N THR A 68 -6.69 -17.85 15.98
CA THR A 68 -8.13 -17.91 15.70
C THR A 68 -8.42 -17.93 14.19
N LEU A 69 -7.44 -17.52 13.40
CA LEU A 69 -7.60 -17.46 11.96
C LEU A 69 -7.62 -18.83 11.28
N ASP A 70 -8.11 -18.86 10.05
CA ASP A 70 -8.15 -20.09 9.25
C ASP A 70 -6.68 -20.56 9.17
N HIS A 71 -6.45 -21.86 9.25
CA HIS A 71 -5.07 -22.37 9.24
C HIS A 71 -4.28 -22.01 7.97
N GLU A 72 -4.92 -22.12 6.82
CA GLU A 72 -4.25 -21.77 5.57
C GLU A 72 -3.82 -20.30 5.58
N ASP A 73 -4.69 -19.43 6.08
CA ASP A 73 -4.41 -18.01 6.11
C ASP A 73 -3.19 -17.68 6.97
N GLN A 74 -3.02 -18.43 8.05
CA GLN A 74 -1.88 -18.21 8.94
C GLN A 74 -0.59 -18.45 8.19
N ILE A 75 -0.55 -19.54 7.43
CA ILE A 75 0.62 -19.86 6.63
C ILE A 75 0.85 -18.68 5.69
N ALA A 76 -0.16 -18.35 4.90
CA ALA A 76 -0.03 -17.24 3.96
C ALA A 76 0.47 -15.96 4.61
N LEU A 77 0.03 -15.67 5.84
CA LEU A 77 0.47 -14.46 6.50
C LEU A 77 1.94 -14.58 6.85
N LEU A 78 2.35 -15.78 7.21
CA LEU A 78 3.75 -15.99 7.55
C LEU A 78 4.66 -15.95 6.32
N LYS A 79 4.31 -16.76 5.31
CA LYS A 79 5.09 -16.78 4.08
C LYS A 79 5.10 -15.37 3.49
N GLY A 80 3.95 -14.70 3.58
CA GLY A 80 3.84 -13.36 3.05
C GLY A 80 4.62 -12.26 3.77
N SER A 81 4.95 -12.47 5.04
CA SER A 81 5.65 -11.43 5.79
C SER A 81 7.07 -11.71 6.26
N ALA A 82 7.48 -12.96 6.17
CA ALA A 82 8.81 -13.33 6.59
C ALA A 82 9.92 -12.39 6.11
N VAL A 83 9.94 -12.08 4.81
CA VAL A 83 11.00 -11.22 4.28
C VAL A 83 10.88 -9.79 4.73
N GLU A 84 9.68 -9.24 4.62
CA GLU A 84 9.45 -7.87 5.01
C GLU A 84 9.78 -7.70 6.49
N ALA A 85 9.31 -8.63 7.32
CA ALA A 85 9.60 -8.54 8.75
C ALA A 85 11.11 -8.46 8.93
N MET A 86 11.83 -9.32 8.21
CA MET A 86 13.29 -9.33 8.30
C MET A 86 13.82 -7.95 7.99
N PHE A 87 13.23 -7.28 7.01
CA PHE A 87 13.68 -5.92 6.68
C PHE A 87 13.51 -4.98 7.87
N LEU A 88 12.37 -5.06 8.55
CA LEU A 88 12.15 -4.19 9.71
C LEU A 88 13.22 -4.43 10.77
N ARG A 89 13.49 -5.71 11.10
CA ARG A 89 14.51 -6.05 12.08
C ARG A 89 15.85 -5.48 11.63
N SER A 90 16.17 -5.68 10.34
CA SER A 90 17.43 -5.19 9.78
C SER A 90 17.49 -3.67 10.04
N ALA A 91 16.37 -3.01 9.80
CA ALA A 91 16.31 -1.59 10.05
C ALA A 91 16.54 -1.32 11.54
N GLU A 92 15.76 -1.98 12.38
CA GLU A 92 15.90 -1.78 13.82
C GLU A 92 17.35 -1.95 14.25
N ILE A 93 17.94 -3.08 13.87
CA ILE A 93 19.32 -3.38 14.22
C ILE A 93 20.31 -2.30 13.80
N PHE A 94 20.30 -1.97 12.51
CA PHE A 94 21.26 -1.00 11.99
C PHE A 94 21.24 0.41 12.55
N ASN A 95 20.19 1.18 12.32
CA ASN A 95 20.19 2.53 12.87
C ASN A 95 19.90 2.50 14.37
N LYS A 96 19.82 3.68 14.96
CA LYS A 96 19.53 3.85 16.38
C LYS A 96 20.39 3.10 17.39
N LYS A 97 20.86 3.87 18.36
CA LYS A 97 21.69 3.41 19.47
C LYS A 97 22.73 2.36 19.09
N LEU A 98 23.99 2.78 19.13
CA LEU A 98 25.12 1.92 18.81
C LEU A 98 25.78 1.52 20.13
N PRO A 99 25.38 0.36 20.67
CA PRO A 99 25.94 -0.16 21.94
C PRO A 99 27.44 -0.46 21.87
N ALA A 100 28.14 0.20 20.95
CA ALA A 100 29.58 0.01 20.80
C ALA A 100 29.93 -1.48 20.74
N GLY A 101 29.02 -2.27 20.17
CA GLY A 101 29.25 -3.70 20.07
C GLY A 101 28.97 -4.29 18.69
N HIS A 102 28.89 -5.62 18.63
CA HIS A 102 28.64 -6.32 17.37
C HIS A 102 27.32 -5.94 16.69
N ALA A 103 27.44 -5.20 15.61
CA ALA A 103 26.30 -4.74 14.81
C ALA A 103 26.92 -3.97 13.65
N ASP A 104 28.01 -3.28 13.97
CA ASP A 104 28.77 -2.50 13.00
C ASP A 104 29.64 -3.52 12.29
N LEU A 105 29.94 -4.59 13.00
CA LEU A 105 30.77 -5.67 12.49
C LEU A 105 29.91 -6.57 11.60
N LEU A 106 28.60 -6.58 11.86
CA LEU A 106 27.68 -7.38 11.06
C LEU A 106 27.59 -6.75 9.69
N GLU A 107 27.65 -5.42 9.65
CA GLU A 107 27.60 -4.70 8.39
C GLU A 107 28.74 -5.17 7.51
N GLU A 108 29.93 -5.28 8.10
CA GLU A 108 31.11 -5.74 7.36
C GLU A 108 30.89 -7.10 6.71
N ARG A 109 30.39 -8.06 7.47
CA ARG A 109 30.14 -9.40 6.93
C ARG A 109 29.17 -9.30 5.74
N ILE A 110 28.19 -8.41 5.86
CA ILE A 110 27.21 -8.22 4.79
C ILE A 110 27.92 -7.69 3.55
N ARG A 111 28.85 -6.75 3.75
CA ARG A 111 29.63 -6.19 2.66
C ARG A 111 30.57 -7.33 2.28
N LYS A 112 30.59 -7.70 1.01
CA LYS A 112 31.46 -8.78 0.55
C LYS A 112 31.11 -10.08 1.29
N SER A 113 29.98 -10.65 0.90
CA SER A 113 29.49 -11.92 1.44
C SER A 113 28.83 -12.55 0.23
N GLY A 114 29.20 -12.03 -0.94
CA GLY A 114 28.66 -12.52 -2.19
C GLY A 114 27.46 -11.70 -2.63
N ILE A 115 27.30 -10.53 -2.01
CA ILE A 115 26.17 -9.67 -2.32
C ILE A 115 26.60 -8.42 -3.11
N SER A 116 25.93 -8.22 -4.24
CA SER A 116 26.21 -7.07 -5.11
C SER A 116 26.12 -5.73 -4.40
N ASP A 117 27.21 -4.98 -4.38
CA ASP A 117 27.23 -3.67 -3.73
C ASP A 117 26.24 -2.75 -4.43
N GLU A 118 25.56 -3.29 -5.45
CA GLU A 118 24.56 -2.53 -6.19
C GLU A 118 23.21 -2.82 -5.55
N TYR A 119 23.23 -3.71 -4.56
CA TYR A 119 22.03 -4.08 -3.82
C TYR A 119 22.14 -3.54 -2.40
N ILE A 120 23.31 -3.72 -1.79
CA ILE A 120 23.52 -3.27 -0.42
C ILE A 120 23.42 -1.76 -0.29
N THR A 121 23.79 -1.05 -1.35
CA THR A 121 23.77 0.41 -1.32
C THR A 121 22.37 1.01 -1.12
N PRO A 122 21.40 0.60 -1.95
CA PRO A 122 20.04 1.15 -1.79
C PRO A 122 19.40 0.60 -0.52
N MET A 123 19.61 -0.68 -0.27
CA MET A 123 19.07 -1.36 0.90
C MET A 123 19.47 -0.56 2.14
N PHE A 124 20.78 -0.38 2.33
CA PHE A 124 21.28 0.36 3.48
C PHE A 124 20.86 1.82 3.42
N SER A 125 20.42 2.27 2.25
CA SER A 125 19.98 3.64 2.12
C SER A 125 18.60 3.67 2.81
N PHE A 126 17.81 2.63 2.53
CA PHE A 126 16.49 2.48 3.10
C PHE A 126 16.57 2.47 4.61
N TYR A 127 17.36 1.54 5.16
CA TYR A 127 17.51 1.44 6.60
C TYR A 127 17.90 2.79 7.21
N LYS A 128 18.73 3.55 6.51
CA LYS A 128 19.15 4.86 7.02
C LYS A 128 17.98 5.85 6.96
N SER A 129 17.05 5.61 6.02
CA SER A 129 15.89 6.47 5.89
C SER A 129 14.93 6.17 7.03
N VAL A 130 14.64 4.89 7.25
CA VAL A 130 13.75 4.52 8.33
C VAL A 130 14.41 5.01 9.62
N GLY A 131 15.74 5.11 9.56
CA GLY A 131 16.49 5.59 10.70
C GLY A 131 16.10 7.03 10.99
N GLU A 132 16.05 7.84 9.95
CA GLU A 132 15.68 9.24 10.10
C GLU A 132 14.40 9.40 10.93
N LEU A 133 13.53 8.40 10.85
CA LEU A 133 12.27 8.43 11.57
C LEU A 133 12.44 8.30 13.09
N LYS A 134 13.67 7.98 13.52
CA LYS A 134 13.98 7.82 14.94
C LYS A 134 12.92 7.05 15.72
N MET A 135 12.66 5.82 15.28
CA MET A 135 11.64 4.97 15.89
C MET A 135 12.07 4.31 17.20
N THR A 136 11.07 3.83 17.94
CA THR A 136 11.28 3.17 19.21
C THR A 136 11.00 1.69 19.05
N GLN A 137 11.33 0.93 20.10
CA GLN A 137 11.09 -0.50 20.13
C GLN A 137 9.62 -0.79 19.83
N GLU A 138 8.76 0.03 20.43
CA GLU A 138 7.32 -0.11 20.28
C GLU A 138 6.85 0.11 18.86
N GLU A 139 7.42 1.11 18.20
CA GLU A 139 7.05 1.39 16.82
C GLU A 139 7.50 0.20 15.94
N TYR A 140 8.70 -0.31 16.21
CA TYR A 140 9.22 -1.47 15.48
C TYR A 140 8.35 -2.70 15.73
N ALA A 141 7.89 -2.86 16.97
CA ALA A 141 7.08 -4.00 17.36
C ALA A 141 5.73 -3.99 16.68
N LEU A 142 5.07 -2.83 16.68
CA LEU A 142 3.76 -2.69 16.06
C LEU A 142 3.85 -2.84 14.54
N LEU A 143 4.83 -2.16 13.94
CA LEU A 143 5.02 -2.26 12.50
C LEU A 143 5.20 -3.72 12.14
N THR A 144 6.01 -4.43 12.91
CA THR A 144 6.24 -5.84 12.61
C THR A 144 4.93 -6.60 12.73
N ALA A 145 4.18 -6.28 13.77
CA ALA A 145 2.91 -6.95 13.96
C ALA A 145 1.93 -6.57 12.86
N ILE A 146 1.86 -5.30 12.46
CA ILE A 146 0.90 -4.98 11.40
C ILE A 146 1.39 -5.56 10.06
N VAL A 147 2.70 -5.51 9.81
CA VAL A 147 3.22 -6.11 8.58
C VAL A 147 2.76 -7.57 8.54
N ILE A 148 3.01 -8.32 9.61
CA ILE A 148 2.60 -9.71 9.64
C ILE A 148 1.10 -9.83 9.45
N LEU A 149 0.35 -8.93 10.09
CA LEU A 149 -1.09 -8.99 9.99
C LEU A 149 -1.63 -8.12 8.88
N SER A 150 -1.27 -8.47 7.65
CA SER A 150 -1.73 -7.74 6.47
C SER A 150 -2.81 -8.57 5.81
N PRO A 151 -4.00 -8.00 5.66
CA PRO A 151 -5.12 -8.69 5.05
C PRO A 151 -4.92 -8.77 3.52
N ASP A 152 -4.08 -7.90 2.99
CA ASP A 152 -3.85 -7.85 1.55
C ASP A 152 -2.61 -8.63 1.12
N ARG A 153 -2.57 -9.90 1.51
CA ARG A 153 -1.47 -10.79 1.16
C ARG A 153 -2.10 -11.69 0.12
N GLN A 154 -1.33 -12.06 -0.90
CA GLN A 154 -1.85 -12.84 -2.01
C GLN A 154 -2.79 -14.03 -1.82
N TYR A 155 -2.69 -14.80 -0.76
CA TYR A 155 -3.58 -15.96 -0.69
C TYR A 155 -4.64 -16.10 0.40
N ILE A 156 -4.77 -15.13 1.30
CA ILE A 156 -5.76 -15.30 2.35
C ILE A 156 -7.20 -15.28 1.85
N LYS A 157 -7.99 -16.23 2.36
CA LYS A 157 -9.41 -16.37 2.00
C LYS A 157 -10.33 -15.37 2.74
N ASP A 158 -10.02 -15.08 3.99
CA ASP A 158 -10.85 -14.18 4.81
C ASP A 158 -10.08 -12.94 5.26
N ARG A 159 -10.13 -11.88 4.46
CA ARG A 159 -9.41 -10.66 4.79
C ARG A 159 -10.01 -9.85 5.93
N GLU A 160 -11.33 -9.90 6.10
CA GLU A 160 -11.94 -9.13 7.18
C GLU A 160 -11.38 -9.62 8.51
N ALA A 161 -11.37 -10.94 8.67
CA ALA A 161 -10.86 -11.57 9.89
C ALA A 161 -9.47 -11.05 10.24
N VAL A 162 -8.63 -10.83 9.24
CA VAL A 162 -7.27 -10.32 9.50
C VAL A 162 -7.36 -8.84 9.81
N GLU A 163 -8.29 -8.16 9.16
CA GLU A 163 -8.45 -6.73 9.41
C GLU A 163 -8.78 -6.49 10.89
N LYS A 164 -9.79 -7.21 11.40
CA LYS A 164 -10.16 -7.04 12.79
C LYS A 164 -8.94 -7.14 13.69
N LEU A 165 -8.01 -8.02 13.33
CA LEU A 165 -6.82 -8.16 14.14
C LEU A 165 -5.77 -7.08 13.91
N GLN A 166 -5.73 -6.50 12.72
CA GLN A 166 -4.72 -5.47 12.44
C GLN A 166 -5.11 -4.03 12.82
N GLU A 167 -6.38 -3.67 12.67
CA GLU A 167 -6.80 -2.30 13.00
C GLU A 167 -6.35 -1.86 14.39
N PRO A 168 -6.60 -2.70 15.41
CA PRO A 168 -6.18 -2.29 16.75
C PRO A 168 -4.70 -1.93 16.81
N LEU A 169 -3.86 -2.68 16.09
CA LEU A 169 -2.43 -2.39 16.07
C LEU A 169 -2.23 -1.07 15.36
N LEU A 170 -2.96 -0.86 14.27
CA LEU A 170 -2.89 0.40 13.53
C LEU A 170 -3.33 1.58 14.43
N ASP A 171 -4.50 1.49 15.06
CA ASP A 171 -4.97 2.57 15.95
C ASP A 171 -3.93 2.94 16.99
N VAL A 172 -3.33 1.94 17.61
CA VAL A 172 -2.30 2.17 18.62
C VAL A 172 -1.05 2.84 18.08
N LEU A 173 -0.51 2.31 16.99
CA LEU A 173 0.72 2.88 16.43
C LEU A 173 0.50 4.35 16.11
N GLN A 174 -0.67 4.66 15.54
CA GLN A 174 -0.95 6.05 15.21
C GLN A 174 -0.99 6.94 16.44
N LYS A 175 -1.80 6.56 17.41
CA LYS A 175 -1.89 7.34 18.64
C LYS A 175 -0.50 7.46 19.25
N LEU A 176 0.30 6.41 19.10
CA LEU A 176 1.67 6.39 19.61
C LEU A 176 2.51 7.39 18.83
N CYS A 177 2.14 7.65 17.58
CA CYS A 177 2.87 8.60 16.75
C CYS A 177 2.66 10.03 17.22
N LYS A 178 1.42 10.38 17.53
CA LYS A 178 1.14 11.73 18.02
C LYS A 178 1.96 11.99 19.29
N ILE A 179 1.93 11.03 20.20
CA ILE A 179 2.64 11.12 21.46
C ILE A 179 4.14 11.34 21.36
N TYR A 180 4.86 10.40 20.76
CA TYR A 180 6.31 10.53 20.65
C TYR A 180 6.79 11.63 19.72
N GLN A 181 6.08 11.86 18.61
CA GLN A 181 6.48 12.88 17.65
C GLN A 181 5.31 13.66 17.07
N PRO A 182 4.81 14.66 17.82
CA PRO A 182 3.68 15.51 17.40
C PRO A 182 4.12 16.74 16.61
N GLU A 183 5.43 16.99 16.61
CA GLU A 183 6.02 18.13 15.92
C GLU A 183 5.53 18.32 14.49
N ASN A 184 5.21 17.23 13.81
CA ASN A 184 4.77 17.30 12.41
C ASN A 184 3.25 17.25 12.15
N PRO A 185 2.64 16.05 12.03
CA PRO A 185 3.10 14.66 12.10
C PRO A 185 3.47 14.07 10.75
N GLN A 186 2.48 13.49 10.05
CA GLN A 186 2.70 12.85 8.76
C GLN A 186 3.41 11.52 9.10
N HIS A 187 4.19 11.56 10.17
CA HIS A 187 4.97 10.42 10.63
C HIS A 187 4.22 9.10 10.52
N PHE A 188 2.97 9.07 10.96
CA PHE A 188 2.20 7.83 10.83
C PHE A 188 2.03 7.49 9.35
N ALA A 189 1.73 8.50 8.54
CA ALA A 189 1.56 8.32 7.10
C ALA A 189 2.88 7.81 6.49
N CYS A 190 3.97 8.49 6.84
CA CYS A 190 5.28 8.10 6.36
C CYS A 190 5.61 6.67 6.80
N LEU A 191 5.24 6.31 8.04
CA LEU A 191 5.53 4.95 8.50
C LEU A 191 4.82 3.96 7.63
N LEU A 192 3.55 4.21 7.34
CA LEU A 192 2.79 3.31 6.49
C LEU A 192 3.42 3.32 5.09
N GLY A 193 4.10 4.42 4.78
CA GLY A 193 4.75 4.53 3.50
C GLY A 193 5.84 3.48 3.39
N ARG A 194 6.76 3.49 4.36
CA ARG A 194 7.84 2.52 4.37
C ARG A 194 7.29 1.10 4.28
N LEU A 195 6.08 0.90 4.78
CA LEU A 195 5.48 -0.42 4.72
C LEU A 195 5.15 -0.82 3.30
N THR A 196 4.80 0.16 2.47
CA THR A 196 4.51 -0.12 1.07
C THR A 196 5.83 -0.28 0.34
N GLU A 197 6.80 0.55 0.69
CA GLU A 197 8.13 0.47 0.07
C GLU A 197 8.73 -0.93 0.17
N LEU A 198 8.99 -1.39 1.39
CA LEU A 198 9.61 -2.71 1.57
C LEU A 198 8.85 -3.83 0.86
N ARG A 199 7.63 -3.54 0.43
CA ARG A 199 6.86 -4.52 -0.32
C ARG A 199 7.57 -4.64 -1.68
N THR A 200 8.10 -3.53 -2.19
CA THR A 200 8.80 -3.56 -3.47
C THR A 200 10.21 -4.08 -3.24
N PHE A 201 10.74 -3.91 -2.02
CA PHE A 201 12.07 -4.41 -1.70
C PHE A 201 12.01 -5.94 -1.69
N ASN A 202 10.86 -6.47 -1.31
CA ASN A 202 10.66 -7.91 -1.26
C ASN A 202 10.91 -8.44 -2.66
N HIS A 203 10.48 -7.66 -3.65
CA HIS A 203 10.64 -8.01 -5.06
C HIS A 203 12.11 -8.09 -5.48
N HIS A 204 12.89 -7.06 -5.15
CA HIS A 204 14.31 -7.04 -5.48
C HIS A 204 14.98 -8.22 -4.80
N HIS A 205 14.65 -8.41 -3.53
CA HIS A 205 15.20 -9.49 -2.70
C HIS A 205 15.03 -10.82 -3.39
N ALA A 206 13.84 -11.07 -3.92
CA ALA A 206 13.58 -12.32 -4.62
C ALA A 206 14.51 -12.47 -5.84
N GLU A 207 14.84 -11.36 -6.48
CA GLU A 207 15.68 -11.38 -7.66
C GLU A 207 17.16 -11.50 -7.34
N MET A 208 17.61 -10.79 -6.32
CA MET A 208 19.02 -10.83 -5.94
C MET A 208 19.41 -12.23 -5.53
N LEU A 209 18.45 -12.99 -5.03
CA LEU A 209 18.71 -14.36 -4.59
C LEU A 209 19.27 -15.28 -5.66
N MET A 210 18.58 -15.39 -6.79
CA MET A 210 19.04 -16.29 -7.84
C MET A 210 20.39 -15.96 -8.43
N SER A 211 20.91 -14.80 -8.08
CA SER A 211 22.22 -14.46 -8.52
C SER A 211 22.97 -14.45 -7.24
N TRP A 212 22.60 -15.20 -6.25
CA TRP A 212 23.53 -14.87 -5.18
C TRP A 212 24.54 -15.95 -5.08
N ARG A 213 25.62 -15.80 -5.72
CA ARG A 213 26.36 -16.98 -5.50
C ARG A 213 27.59 -16.76 -4.71
N VAL A 214 27.93 -17.86 -4.03
CA VAL A 214 29.06 -17.98 -3.15
C VAL A 214 29.62 -19.40 -3.24
N ASN A 215 30.60 -19.58 -4.13
CA ASN A 215 31.21 -20.89 -4.35
C ASN A 215 30.14 -21.81 -4.92
N ASP A 216 29.36 -22.42 -4.02
CA ASP A 216 28.28 -23.30 -4.44
C ASP A 216 27.43 -23.64 -3.22
N HIS A 217 27.65 -22.89 -2.14
CA HIS A 217 26.90 -23.09 -0.90
C HIS A 217 25.41 -22.89 -1.13
N LYS A 218 24.60 -23.70 -0.45
CA LYS A 218 23.15 -23.63 -0.55
C LYS A 218 22.56 -23.03 0.72
N PHE A 219 21.37 -22.45 0.60
CA PHE A 219 20.68 -21.87 1.76
C PHE A 219 20.12 -23.06 2.53
N THR A 220 19.79 -22.84 3.81
CA THR A 220 19.23 -23.90 4.66
C THR A 220 17.86 -24.34 4.13
N PRO A 221 17.41 -25.54 4.51
CA PRO A 221 16.10 -26.00 4.04
C PRO A 221 14.96 -24.98 4.25
N LEU A 222 14.85 -24.44 5.46
CA LEU A 222 13.80 -23.47 5.78
C LEU A 222 13.83 -22.25 4.85
N LEU A 223 14.98 -21.59 4.77
CA LEU A 223 15.09 -20.44 3.88
C LEU A 223 14.68 -20.80 2.46
N CYS A 224 15.27 -21.86 1.90
CA CYS A 224 14.92 -22.27 0.55
C CYS A 224 13.42 -22.31 0.43
N GLU A 225 12.74 -22.76 1.48
CA GLU A 225 11.29 -22.83 1.45
C GLU A 225 10.58 -21.48 1.60
N ILE A 226 11.03 -20.65 2.53
CA ILE A 226 10.36 -19.36 2.75
C ILE A 226 10.81 -18.27 1.79
N TRP A 227 12.10 -18.20 1.50
CA TRP A 227 12.62 -17.22 0.55
C TRP A 227 12.34 -17.71 -0.85
N ASP A 228 11.65 -18.85 -0.93
CA ASP A 228 11.25 -19.49 -2.18
C ASP A 228 12.35 -20.33 -2.82
N VAL A 229 13.58 -19.81 -2.83
CA VAL A 229 14.72 -20.54 -3.40
C VAL A 229 16.02 -19.77 -3.16
N ALA B 1 20.70 14.22 -10.95
CA ALA B 1 20.20 12.97 -11.59
C ALA B 1 18.71 13.12 -11.94
N GLU B 2 18.43 13.83 -13.03
CA GLU B 2 17.06 14.07 -13.47
C GLU B 2 16.43 12.82 -14.03
N LEU B 3 15.27 12.97 -14.66
CA LEU B 3 14.54 11.84 -15.24
C LEU B 3 15.28 11.25 -16.45
N THR B 4 15.22 9.93 -16.57
CA THR B 4 15.87 9.24 -17.67
C THR B 4 14.91 9.23 -18.84
N VAL B 5 15.44 8.99 -20.04
CA VAL B 5 14.62 8.94 -21.25
C VAL B 5 13.43 8.00 -21.05
N ASP B 6 13.68 6.86 -20.40
CA ASP B 6 12.63 5.89 -20.13
C ASP B 6 11.53 6.47 -19.22
N GLN B 7 11.95 7.19 -18.20
CA GLN B 7 11.04 7.78 -17.23
C GLN B 7 10.18 8.89 -17.85
N GLN B 8 10.81 9.78 -18.62
CA GLN B 8 10.09 10.86 -19.26
C GLN B 8 9.09 10.24 -20.22
N THR B 9 9.49 9.15 -20.83
CA THR B 9 8.60 8.50 -21.78
C THR B 9 7.34 8.04 -21.08
N LEU B 10 7.51 7.33 -19.96
CA LEU B 10 6.36 6.82 -19.19
C LEU B 10 5.54 7.98 -18.66
N LEU B 11 6.22 8.94 -18.05
CA LEU B 11 5.58 10.12 -17.50
C LEU B 11 4.76 10.87 -18.56
N ASP B 12 5.36 11.11 -19.72
CA ASP B 12 4.65 11.81 -20.79
C ASP B 12 3.49 10.97 -21.28
N TYR B 13 3.70 9.66 -21.39
CA TYR B 13 2.59 8.83 -21.86
C TYR B 13 1.43 8.89 -20.87
N ILE B 14 1.70 8.82 -19.56
CA ILE B 14 0.62 8.85 -18.57
C ILE B 14 0.00 10.23 -18.46
N MET B 15 0.81 11.29 -18.44
CA MET B 15 0.28 12.66 -18.35
C MET B 15 -0.67 12.93 -19.51
N ASP B 16 -0.24 12.58 -20.72
CA ASP B 16 -1.06 12.80 -21.89
C ASP B 16 -2.35 12.01 -21.75
N SER B 17 -2.26 10.83 -21.14
CA SER B 17 -3.42 9.98 -20.97
C SER B 17 -4.36 10.48 -19.88
N TYR B 18 -3.79 11.12 -18.85
CA TYR B 18 -4.56 11.64 -17.73
C TYR B 18 -5.43 12.80 -18.15
N SER B 19 -4.86 13.71 -18.95
CA SER B 19 -5.56 14.88 -19.44
C SER B 19 -6.48 14.54 -20.61
N LYS B 20 -6.27 13.38 -21.20
CA LYS B 20 -7.06 12.94 -22.33
C LYS B 20 -8.56 13.18 -22.10
N GLN B 21 -9.00 12.98 -20.85
CA GLN B 21 -10.40 13.17 -20.48
C GLN B 21 -10.58 13.78 -19.09
N ARG B 22 -10.99 15.05 -19.03
CA ARG B 22 -11.23 15.74 -17.76
C ARG B 22 -12.73 16.01 -17.62
N MET B 23 -13.43 15.11 -16.95
CA MET B 23 -14.89 15.21 -16.79
C MET B 23 -15.46 15.82 -18.06
N PRO B 24 -14.95 15.37 -19.23
CA PRO B 24 -15.51 15.97 -20.44
C PRO B 24 -17.03 15.91 -20.41
N GLN B 25 -17.64 16.45 -21.46
CA GLN B 25 -19.08 16.50 -21.58
C GLN B 25 -19.63 17.67 -20.78
N GLU B 26 -19.76 18.81 -21.46
CA GLU B 26 -20.27 20.02 -20.84
C GLU B 26 -21.67 19.76 -20.29
N ILE B 27 -22.43 18.89 -20.97
CA ILE B 27 -23.78 18.60 -20.53
C ILE B 27 -23.86 18.15 -19.08
N THR B 28 -22.73 17.71 -18.52
CA THR B 28 -22.73 17.28 -17.13
C THR B 28 -22.25 18.46 -16.29
N ASN B 29 -21.04 18.93 -16.56
CA ASN B 29 -20.48 20.06 -15.84
C ASN B 29 -21.46 21.24 -15.76
N LYS B 30 -22.27 21.39 -16.80
CA LYS B 30 -23.22 22.49 -16.82
C LYS B 30 -24.42 22.19 -15.96
N ILE B 31 -24.86 20.93 -15.96
CA ILE B 31 -25.99 20.54 -15.14
C ILE B 31 -25.65 20.92 -13.69
N LEU B 32 -24.36 21.09 -13.43
CA LEU B 32 -23.85 21.44 -12.11
C LEU B 32 -23.99 22.93 -11.77
N LYS B 33 -24.42 23.74 -12.72
CA LYS B 33 -24.56 25.17 -12.42
C LYS B 33 -25.80 25.82 -12.98
N GLU B 34 -26.64 25.02 -13.65
CA GLU B 34 -27.86 25.50 -14.27
C GLU B 34 -29.08 24.76 -13.75
N GLU B 35 -28.87 23.57 -13.22
CA GLU B 35 -29.96 22.76 -12.73
C GLU B 35 -30.54 23.12 -11.37
N PHE B 36 -31.76 22.63 -11.16
CA PHE B 36 -32.53 22.79 -9.92
C PHE B 36 -31.58 22.44 -8.78
N SER B 37 -31.63 23.20 -7.70
CA SER B 37 -30.78 22.93 -6.56
C SER B 37 -31.56 22.18 -5.46
N ALA B 38 -31.99 20.96 -5.76
CA ALA B 38 -32.74 20.13 -4.83
C ALA B 38 -32.02 18.81 -4.60
N GLU B 39 -32.78 17.73 -4.72
CA GLU B 39 -32.27 16.37 -4.56
C GLU B 39 -31.79 15.96 -5.95
N GLU B 40 -32.03 16.85 -6.92
CA GLU B 40 -31.64 16.63 -8.29
C GLU B 40 -30.14 16.53 -8.26
N ASN B 41 -29.56 16.92 -7.12
CA ASN B 41 -28.13 16.85 -6.93
C ASN B 41 -27.68 15.38 -6.92
N PHE B 42 -28.61 14.48 -6.64
CA PHE B 42 -28.31 13.06 -6.61
C PHE B 42 -28.15 12.57 -8.04
N LEU B 43 -28.95 13.11 -8.95
CA LEU B 43 -28.84 12.71 -10.34
C LEU B 43 -27.55 13.30 -10.91
N ILE B 44 -27.27 14.55 -10.56
CA ILE B 44 -26.05 15.21 -11.02
C ILE B 44 -24.82 14.46 -10.55
N LEU B 45 -24.73 14.26 -9.24
CA LEU B 45 -23.59 13.56 -8.67
C LEU B 45 -23.40 12.14 -9.21
N THR B 46 -24.48 11.39 -9.41
CA THR B 46 -24.32 10.05 -9.94
C THR B 46 -24.01 10.03 -11.43
N GLU B 47 -24.42 11.06 -12.17
CA GLU B 47 -24.13 11.11 -13.59
C GLU B 47 -22.64 11.43 -13.74
N MET B 48 -22.14 12.34 -12.91
CA MET B 48 -20.73 12.68 -12.95
C MET B 48 -19.93 11.43 -12.63
N ALA B 49 -20.31 10.76 -11.55
CA ALA B 49 -19.64 9.56 -11.10
C ALA B 49 -19.55 8.55 -12.24
N THR B 50 -20.69 8.31 -12.89
CA THR B 50 -20.73 7.37 -13.99
C THR B 50 -19.71 7.76 -15.04
N SER B 51 -19.74 9.03 -15.43
CA SER B 51 -18.81 9.54 -16.41
C SER B 51 -17.37 9.33 -15.98
N HIS B 52 -17.07 9.66 -14.72
CA HIS B 52 -15.71 9.49 -14.20
C HIS B 52 -15.24 8.03 -14.32
N VAL B 53 -16.19 7.10 -14.21
CA VAL B 53 -15.86 5.70 -14.33
C VAL B 53 -15.48 5.46 -15.79
N GLN B 54 -16.41 5.75 -16.69
CA GLN B 54 -16.19 5.59 -18.12
C GLN B 54 -14.81 6.13 -18.45
N ILE B 55 -14.51 7.32 -17.93
CA ILE B 55 -13.20 7.89 -18.19
C ILE B 55 -12.12 7.08 -17.47
N LEU B 56 -12.44 6.54 -16.28
CA LEU B 56 -11.46 5.76 -15.52
C LEU B 56 -11.03 4.57 -16.35
N VAL B 57 -12.01 3.88 -16.94
CA VAL B 57 -11.76 2.72 -17.77
C VAL B 57 -10.90 3.00 -19.02
N GLU B 58 -11.05 4.17 -19.63
CA GLU B 58 -10.26 4.52 -20.83
C GLU B 58 -8.81 4.75 -20.45
N PHE B 59 -8.62 5.36 -19.30
CA PHE B 59 -7.27 5.65 -18.82
C PHE B 59 -6.55 4.38 -18.34
N THR B 60 -7.30 3.35 -17.92
CA THR B 60 -6.62 2.15 -17.43
C THR B 60 -6.30 1.16 -18.55
N LYS B 61 -7.22 1.00 -19.50
CA LYS B 61 -7.00 0.10 -20.62
C LYS B 61 -5.88 0.67 -21.52
N ARG B 62 -5.39 1.85 -21.14
CA ARG B 62 -4.32 2.52 -21.88
C ARG B 62 -3.01 2.49 -21.10
N LEU B 63 -3.01 1.89 -19.90
CA LEU B 63 -1.76 1.81 -19.15
C LEU B 63 -0.83 0.85 -19.90
N PRO B 64 0.44 1.23 -20.11
CA PRO B 64 1.43 0.42 -20.82
C PRO B 64 1.15 -1.08 -21.00
N GLY B 65 1.27 -1.87 -19.94
CA GLY B 65 1.05 -3.29 -20.14
C GLY B 65 -0.28 -3.85 -19.72
N PHE B 66 -1.20 -2.97 -19.35
CA PHE B 66 -2.50 -3.39 -18.88
C PHE B 66 -3.30 -4.40 -19.69
N GLN B 67 -3.47 -4.18 -20.98
CA GLN B 67 -4.29 -5.11 -21.75
C GLN B 67 -3.66 -6.48 -21.97
N THR B 68 -2.41 -6.62 -21.53
CA THR B 68 -1.69 -7.89 -21.65
C THR B 68 -2.16 -8.82 -20.52
N LEU B 69 -2.44 -8.22 -19.36
CA LEU B 69 -2.90 -8.95 -18.18
C LEU B 69 -4.10 -9.85 -18.46
N ASP B 70 -4.18 -10.95 -17.73
CA ASP B 70 -5.30 -11.87 -17.84
C ASP B 70 -6.61 -11.08 -17.69
N HIS B 71 -7.60 -11.46 -18.46
CA HIS B 71 -8.90 -10.78 -18.45
C HIS B 71 -9.44 -10.51 -17.03
N GLU B 72 -9.56 -11.56 -16.23
CA GLU B 72 -10.09 -11.45 -14.87
C GLU B 72 -9.31 -10.53 -13.94
N ASP B 73 -7.99 -10.54 -14.02
CA ASP B 73 -7.22 -9.64 -13.16
C ASP B 73 -7.40 -8.19 -13.60
N GLN B 74 -7.88 -7.99 -14.82
CA GLN B 74 -8.08 -6.64 -15.34
C GLN B 74 -9.31 -6.09 -14.64
N ILE B 75 -10.39 -6.87 -14.68
CA ILE B 75 -11.63 -6.52 -14.02
C ILE B 75 -11.34 -6.30 -12.52
N ALA B 76 -10.67 -7.26 -11.92
CA ALA B 76 -10.34 -7.20 -10.51
C ALA B 76 -9.56 -5.94 -10.15
N LEU B 77 -8.68 -5.49 -11.03
CA LEU B 77 -7.90 -4.28 -10.75
C LEU B 77 -8.78 -3.04 -10.89
N LEU B 78 -9.75 -3.11 -11.77
CA LEU B 78 -10.63 -1.98 -12.03
C LEU B 78 -11.63 -1.78 -10.91
N LYS B 79 -12.52 -2.74 -10.72
CA LYS B 79 -13.51 -2.66 -9.64
C LYS B 79 -12.87 -2.33 -8.30
N GLY B 80 -11.68 -2.87 -8.05
CA GLY B 80 -11.04 -2.63 -6.77
C GLY B 80 -10.30 -1.33 -6.62
N SER B 81 -10.23 -0.56 -7.70
CA SER B 81 -9.49 0.70 -7.68
C SER B 81 -10.41 1.89 -7.92
N ALA B 82 -11.58 1.62 -8.47
CA ALA B 82 -12.55 2.64 -8.81
C ALA B 82 -12.77 3.70 -7.71
N VAL B 83 -13.23 3.26 -6.54
CA VAL B 83 -13.51 4.19 -5.46
C VAL B 83 -12.29 4.94 -4.99
N GLU B 84 -11.16 4.25 -4.90
CA GLU B 84 -9.95 4.95 -4.46
C GLU B 84 -9.60 6.00 -5.50
N ALA B 85 -9.77 5.65 -6.77
CA ALA B 85 -9.48 6.57 -7.88
C ALA B 85 -10.42 7.77 -7.75
N MET B 86 -11.69 7.47 -7.54
CA MET B 86 -12.68 8.53 -7.36
C MET B 86 -12.28 9.44 -6.20
N PHE B 87 -11.82 8.87 -5.08
CA PHE B 87 -11.41 9.69 -3.94
C PHE B 87 -10.21 10.55 -4.24
N LEU B 88 -9.24 9.97 -4.93
CA LEU B 88 -8.04 10.73 -5.29
C LEU B 88 -8.50 11.89 -6.17
N ARG B 89 -9.36 11.57 -7.13
CA ARG B 89 -9.89 12.57 -8.04
C ARG B 89 -10.60 13.65 -7.25
N SER B 90 -11.44 13.22 -6.31
CA SER B 90 -12.21 14.14 -5.46
C SER B 90 -11.31 15.14 -4.75
N ALA B 91 -10.11 14.72 -4.39
CA ALA B 91 -9.20 15.63 -3.70
C ALA B 91 -8.59 16.63 -4.67
N GLU B 92 -8.53 16.26 -5.95
CA GLU B 92 -7.97 17.21 -6.90
C GLU B 92 -9.00 18.29 -7.14
N ILE B 93 -10.23 17.90 -7.45
CA ILE B 93 -11.34 18.83 -7.68
C ILE B 93 -11.45 19.81 -6.53
N PHE B 94 -11.93 19.34 -5.39
CA PHE B 94 -12.02 20.22 -4.22
C PHE B 94 -10.55 20.49 -3.98
N ASN B 95 -10.22 21.53 -3.21
CA ASN B 95 -8.80 21.78 -2.99
C ASN B 95 -8.19 22.32 -4.29
N LYS B 96 -8.88 22.10 -5.40
CA LYS B 96 -8.42 22.55 -6.72
C LYS B 96 -7.84 23.94 -6.65
N LYS B 97 -6.83 24.18 -7.48
CA LYS B 97 -6.17 25.49 -7.57
C LYS B 97 -7.19 26.59 -7.28
N LEU B 98 -8.43 26.30 -7.65
CA LEU B 98 -9.61 27.16 -7.47
C LEU B 98 -10.23 27.47 -8.83
N PRO B 99 -9.45 28.03 -9.77
CA PRO B 99 -9.99 28.36 -11.09
C PRO B 99 -11.15 27.48 -11.53
N ALA B 100 -12.09 28.14 -12.18
CA ALA B 100 -13.35 27.58 -12.65
C ALA B 100 -14.26 28.12 -11.54
N GLY B 101 -13.61 28.53 -10.45
CA GLY B 101 -14.29 29.11 -9.30
C GLY B 101 -15.49 28.39 -8.69
N HIS B 102 -15.77 27.15 -9.09
CA HIS B 102 -16.92 26.46 -8.53
C HIS B 102 -16.78 25.09 -7.86
N ALA B 103 -15.70 24.89 -7.12
CA ALA B 103 -15.56 23.63 -6.38
C ALA B 103 -16.64 23.79 -5.28
N ASP B 104 -16.68 24.98 -4.70
CA ASP B 104 -17.65 25.32 -3.65
C ASP B 104 -19.06 24.88 -4.01
N LEU B 105 -19.49 25.18 -5.22
CA LEU B 105 -20.83 24.82 -5.65
C LEU B 105 -21.08 23.31 -5.74
N LEU B 106 -20.05 22.55 -6.09
CA LEU B 106 -20.20 21.10 -6.18
C LEU B 106 -20.29 20.52 -4.77
N GLU B 107 -19.43 21.01 -3.88
CA GLU B 107 -19.45 20.55 -2.49
C GLU B 107 -20.81 20.90 -1.87
N GLU B 108 -21.39 22.00 -2.31
CA GLU B 108 -22.68 22.45 -1.82
C GLU B 108 -23.79 21.54 -2.32
N ARG B 109 -23.68 21.06 -3.55
CA ARG B 109 -24.70 20.17 -4.08
C ARG B 109 -24.53 18.82 -3.41
N ILE B 110 -23.28 18.46 -3.15
CA ILE B 110 -22.99 17.20 -2.49
C ILE B 110 -23.68 17.22 -1.14
N ARG B 111 -23.45 18.30 -0.41
CA ARG B 111 -24.03 18.52 0.92
C ARG B 111 -25.54 18.60 0.99
N LYS B 112 -26.22 18.43 -0.14
CA LYS B 112 -27.66 18.47 -0.16
C LYS B 112 -28.22 17.37 -1.08
N SER B 113 -27.66 16.19 -0.88
CA SER B 113 -28.08 14.99 -1.60
C SER B 113 -28.39 14.06 -0.42
N GLY B 114 -29.04 12.94 -0.67
CA GLY B 114 -29.36 12.05 0.43
C GLY B 114 -28.20 11.44 1.21
N ILE B 115 -27.16 12.22 1.54
CA ILE B 115 -26.03 11.68 2.28
C ILE B 115 -25.72 12.40 3.60
N SER B 116 -25.64 11.62 4.67
CA SER B 116 -25.38 12.11 6.02
C SER B 116 -24.09 12.91 6.14
N ASP B 117 -24.08 13.85 7.07
CA ASP B 117 -22.91 14.69 7.33
C ASP B 117 -21.88 13.83 8.07
N GLU B 118 -22.36 12.73 8.62
CA GLU B 118 -21.52 11.81 9.36
C GLU B 118 -20.49 11.30 8.34
N TYR B 119 -20.98 11.03 7.14
CA TYR B 119 -20.13 10.53 6.07
C TYR B 119 -19.32 11.67 5.44
N ILE B 120 -20.00 12.75 5.05
CA ILE B 120 -19.36 13.88 4.40
C ILE B 120 -18.22 14.56 5.15
N THR B 121 -18.44 14.89 6.42
CA THR B 121 -17.42 15.59 7.17
C THR B 121 -16.03 14.96 7.10
N PRO B 122 -15.88 13.69 7.51
CA PRO B 122 -14.54 13.10 7.43
C PRO B 122 -13.95 13.01 6.01
N MET B 123 -14.81 12.90 5.01
CA MET B 123 -14.32 12.83 3.62
C MET B 123 -13.67 14.15 3.20
N PHE B 124 -14.27 15.27 3.60
CA PHE B 124 -13.69 16.56 3.26
C PHE B 124 -12.51 16.88 4.13
N SER B 125 -12.40 16.20 5.27
CA SER B 125 -11.27 16.41 6.16
C SER B 125 -10.12 15.75 5.43
N PHE B 126 -10.42 14.61 4.82
CA PHE B 126 -9.42 13.90 4.05
C PHE B 126 -8.98 14.72 2.84
N TYR B 127 -9.93 15.18 2.04
CA TYR B 127 -9.60 15.98 0.85
C TYR B 127 -8.76 17.17 1.25
N LYS B 128 -9.18 17.83 2.33
CA LYS B 128 -8.49 19.00 2.85
C LYS B 128 -7.11 18.61 3.36
N SER B 129 -7.02 17.43 3.95
CA SER B 129 -5.75 16.95 4.46
C SER B 129 -4.79 16.65 3.30
N VAL B 130 -5.30 16.00 2.27
CA VAL B 130 -4.49 15.66 1.11
C VAL B 130 -3.94 16.90 0.41
N GLY B 131 -4.83 17.82 0.02
CA GLY B 131 -4.39 19.01 -0.67
C GLY B 131 -3.25 19.75 0.01
N GLU B 132 -3.02 19.42 1.28
CA GLU B 132 -1.96 20.05 2.05
C GLU B 132 -0.60 19.56 1.56
N LEU B 133 -0.58 18.37 0.98
CA LEU B 133 0.65 17.79 0.42
C LEU B 133 0.83 18.44 -0.94
N LYS B 134 0.16 19.57 -1.17
CA LYS B 134 0.22 20.28 -2.45
C LYS B 134 0.88 19.49 -3.55
N MET B 135 0.11 18.57 -4.11
CA MET B 135 0.56 17.67 -5.16
C MET B 135 0.40 18.24 -6.56
N THR B 136 1.42 18.06 -7.39
CA THR B 136 1.38 18.51 -8.77
C THR B 136 0.43 17.58 -9.51
N GLN B 137 -0.01 17.99 -10.69
CA GLN B 137 -0.94 17.15 -11.46
C GLN B 137 -0.29 15.82 -11.85
N GLU B 138 1.03 15.84 -12.02
CA GLU B 138 1.76 14.64 -12.40
C GLU B 138 1.75 13.64 -11.23
N GLU B 139 1.87 14.16 -10.02
CA GLU B 139 1.83 13.30 -8.83
C GLU B 139 0.45 12.65 -8.78
N TYR B 140 -0.57 13.45 -9.04
CA TYR B 140 -1.93 12.92 -9.03
C TYR B 140 -2.14 11.82 -10.03
N ALA B 141 -1.60 12.01 -11.23
CA ALA B 141 -1.73 11.03 -12.31
C ALA B 141 -0.97 9.75 -12.01
N LEU B 142 0.24 9.89 -11.50
CA LEU B 142 1.06 8.74 -11.19
C LEU B 142 0.38 7.91 -10.10
N LEU B 143 -0.01 8.58 -9.03
CA LEU B 143 -0.70 7.93 -7.92
C LEU B 143 -1.92 7.18 -8.39
N THR B 144 -2.67 7.80 -9.29
CA THR B 144 -3.87 7.16 -9.81
C THR B 144 -3.50 5.90 -10.55
N ALA B 145 -2.36 5.95 -11.25
CA ALA B 145 -1.86 4.81 -12.01
C ALA B 145 -1.43 3.72 -11.03
N ILE B 146 -0.61 4.12 -10.08
CA ILE B 146 -0.11 3.23 -9.04
C ILE B 146 -1.29 2.56 -8.34
N VAL B 147 -2.27 3.38 -7.94
CA VAL B 147 -3.45 2.87 -7.28
C VAL B 147 -4.14 1.79 -8.10
N ILE B 148 -4.37 2.07 -9.36
CA ILE B 148 -5.01 1.09 -10.26
C ILE B 148 -4.18 -0.19 -10.45
N LEU B 149 -2.85 -0.08 -10.35
CA LEU B 149 -1.99 -1.25 -10.53
C LEU B 149 -1.52 -1.82 -9.19
N SER B 150 -2.44 -2.03 -8.26
CA SER B 150 -2.10 -2.58 -6.94
C SER B 150 -2.01 -4.10 -7.04
N PRO B 151 -0.79 -4.64 -6.95
CA PRO B 151 -0.58 -6.08 -7.05
C PRO B 151 -1.28 -6.90 -5.98
N ASP B 152 -1.64 -6.25 -4.89
CA ASP B 152 -2.30 -6.96 -3.81
C ASP B 152 -3.79 -6.70 -3.66
N ARG B 153 -4.44 -6.28 -4.72
CA ARG B 153 -5.87 -6.07 -4.63
C ARG B 153 -6.34 -7.51 -4.55
N GLN B 154 -7.44 -7.75 -3.84
CA GLN B 154 -7.95 -9.11 -3.67
C GLN B 154 -8.46 -9.72 -4.98
N TYR B 155 -8.36 -11.05 -5.08
CA TYR B 155 -8.81 -11.79 -6.26
C TYR B 155 -7.81 -11.77 -7.43
N ILE B 156 -6.73 -11.00 -7.29
CA ILE B 156 -5.71 -10.93 -8.33
C ILE B 156 -5.00 -12.28 -8.37
N LYS B 157 -4.99 -12.89 -9.54
CA LYS B 157 -4.35 -14.20 -9.72
C LYS B 157 -2.87 -14.16 -10.07
N ASP B 158 -2.44 -13.11 -10.77
CA ASP B 158 -1.04 -12.99 -11.16
C ASP B 158 -0.36 -11.73 -10.63
N ARG B 159 -0.03 -11.78 -9.34
CA ARG B 159 0.61 -10.66 -8.69
C ARG B 159 1.89 -10.12 -9.33
N GLU B 160 2.82 -11.01 -9.67
CA GLU B 160 4.09 -10.54 -10.24
C GLU B 160 3.91 -9.73 -11.53
N ALA B 161 2.97 -10.14 -12.36
CA ALA B 161 2.71 -9.42 -13.61
C ALA B 161 2.24 -7.97 -13.30
N VAL B 162 1.27 -7.83 -12.39
CA VAL B 162 0.76 -6.50 -12.05
C VAL B 162 1.87 -5.69 -11.44
N GLU B 163 2.73 -6.39 -10.70
CA GLU B 163 3.82 -5.72 -10.01
C GLU B 163 4.87 -5.20 -10.98
N LYS B 164 5.08 -5.91 -12.08
CA LYS B 164 6.04 -5.47 -13.09
C LYS B 164 5.61 -4.11 -13.63
N LEU B 165 4.31 -3.99 -13.90
CA LEU B 165 3.73 -2.77 -14.42
C LEU B 165 3.77 -1.60 -13.46
N GLN B 166 3.52 -1.83 -12.17
CA GLN B 166 3.51 -0.71 -11.23
C GLN B 166 4.84 -0.25 -10.70
N GLU B 167 5.87 -1.07 -10.84
CA GLU B 167 7.19 -0.67 -10.33
C GLU B 167 7.74 0.59 -10.98
N PRO B 168 7.74 0.67 -12.32
CA PRO B 168 8.27 1.89 -12.96
C PRO B 168 7.52 3.17 -12.55
N LEU B 169 6.20 3.08 -12.41
CA LEU B 169 5.40 4.24 -11.99
C LEU B 169 5.90 4.73 -10.62
N LEU B 170 6.04 3.81 -9.67
CA LEU B 170 6.54 4.15 -8.33
C LEU B 170 7.93 4.73 -8.45
N ASP B 171 8.75 4.09 -9.27
CA ASP B 171 10.11 4.56 -9.51
C ASP B 171 10.10 5.98 -10.07
N VAL B 172 9.20 6.25 -11.03
CA VAL B 172 9.08 7.59 -11.60
C VAL B 172 8.61 8.60 -10.54
N LEU B 173 7.57 8.24 -9.80
CA LEU B 173 7.05 9.11 -8.73
C LEU B 173 8.13 9.39 -7.67
N GLN B 174 8.85 8.33 -7.26
CA GLN B 174 9.90 8.49 -6.26
C GLN B 174 11.00 9.38 -6.78
N LYS B 175 11.23 9.37 -8.09
CA LYS B 175 12.28 10.20 -8.65
C LYS B 175 11.77 11.62 -8.68
N LEU B 176 10.52 11.77 -9.14
CA LEU B 176 9.90 13.08 -9.18
C LEU B 176 10.01 13.76 -7.80
N CYS B 177 9.57 13.07 -6.74
CA CYS B 177 9.63 13.61 -5.39
C CYS B 177 11.02 14.10 -4.99
N LYS B 178 12.05 13.33 -5.29
CA LYS B 178 13.42 13.72 -4.96
C LYS B 178 13.83 14.94 -5.76
N ILE B 179 12.95 15.37 -6.66
CA ILE B 179 13.24 16.52 -7.51
C ILE B 179 12.48 17.79 -7.14
N TYR B 180 11.18 17.65 -6.90
CA TYR B 180 10.34 18.79 -6.53
C TYR B 180 10.22 18.95 -5.03
N GLN B 181 10.86 18.05 -4.29
CA GLN B 181 10.82 18.09 -2.83
C GLN B 181 12.14 17.57 -2.27
N PRO B 182 13.25 18.24 -2.59
CA PRO B 182 14.56 17.78 -2.09
C PRO B 182 14.68 17.95 -0.59
N GLU B 183 13.79 18.74 -0.01
CA GLU B 183 13.79 19.03 1.42
C GLU B 183 12.99 18.05 2.27
N ASN B 184 11.97 17.43 1.68
CA ASN B 184 11.14 16.47 2.41
C ASN B 184 11.36 15.06 1.88
N PRO B 185 12.55 14.48 2.14
CA PRO B 185 12.85 13.13 1.67
C PRO B 185 11.88 12.05 2.15
N GLN B 186 10.78 12.50 2.76
CA GLN B 186 9.76 11.61 3.26
C GLN B 186 8.54 11.78 2.39
N HIS B 187 8.56 12.81 1.56
CA HIS B 187 7.42 13.09 0.69
C HIS B 187 6.95 11.85 -0.05
N PHE B 188 7.90 11.11 -0.62
CA PHE B 188 7.53 9.89 -1.32
C PHE B 188 6.80 8.91 -0.39
N ALA B 189 7.34 8.72 0.81
CA ALA B 189 6.72 7.81 1.79
C ALA B 189 5.32 8.26 2.21
N CYS B 190 5.16 9.56 2.45
CA CYS B 190 3.85 10.08 2.87
C CYS B 190 2.79 9.89 1.81
N LEU B 191 3.16 10.06 0.53
CA LEU B 191 2.17 9.90 -0.53
C LEU B 191 1.68 8.49 -0.45
N LEU B 192 2.63 7.55 -0.32
CA LEU B 192 2.30 6.14 -0.23
C LEU B 192 1.48 5.85 1.01
N GLY B 193 1.78 6.57 2.09
CA GLY B 193 0.98 6.38 3.30
C GLY B 193 -0.48 6.70 3.00
N ARG B 194 -0.73 7.87 2.41
CA ARG B 194 -2.09 8.30 2.09
C ARG B 194 -2.80 7.28 1.22
N LEU B 195 -2.04 6.52 0.47
CA LEU B 195 -2.61 5.50 -0.40
C LEU B 195 -3.26 4.43 0.44
N THR B 196 -2.64 4.11 1.58
CA THR B 196 -3.21 3.11 2.47
C THR B 196 -4.45 3.71 3.15
N GLU B 197 -4.33 4.96 3.62
CA GLU B 197 -5.48 5.61 4.26
C GLU B 197 -6.63 5.48 3.28
N LEU B 198 -6.34 5.74 2.01
CA LEU B 198 -7.34 5.66 0.96
C LEU B 198 -8.17 4.39 0.99
N ARG B 199 -7.55 3.24 1.23
CA ARG B 199 -8.29 1.99 1.25
C ARG B 199 -9.31 1.89 2.39
N THR B 200 -9.06 2.62 3.49
CA THR B 200 -9.98 2.56 4.63
C THR B 200 -11.33 3.19 4.29
N PHE B 201 -11.37 4.00 3.23
CA PHE B 201 -12.61 4.66 2.81
C PHE B 201 -13.46 3.72 1.97
N ASN B 202 -12.85 2.64 1.46
CA ASN B 202 -13.61 1.70 0.67
C ASN B 202 -14.87 1.27 1.42
N HIS B 203 -14.68 0.69 2.61
CA HIS B 203 -15.77 0.21 3.44
C HIS B 203 -16.81 1.30 3.74
N HIS B 204 -16.35 2.45 4.18
CA HIS B 204 -17.27 3.54 4.49
C HIS B 204 -18.13 3.87 3.28
N HIS B 205 -17.50 3.97 2.10
CA HIS B 205 -18.23 4.26 0.86
C HIS B 205 -19.27 3.16 0.61
N ALA B 206 -18.86 1.91 0.82
CA ALA B 206 -19.76 0.77 0.61
C ALA B 206 -20.98 0.90 1.52
N GLU B 207 -20.75 1.30 2.76
CA GLU B 207 -21.83 1.44 3.72
C GLU B 207 -22.73 2.59 3.34
N MET B 208 -22.14 3.77 3.21
CA MET B 208 -22.88 4.96 2.84
C MET B 208 -23.84 4.63 1.70
N LEU B 209 -23.40 3.80 0.77
CA LEU B 209 -24.24 3.42 -0.37
C LEU B 209 -25.52 2.71 -0.01
N MET B 210 -25.50 1.91 1.06
CA MET B 210 -26.69 1.17 1.46
C MET B 210 -27.87 2.04 1.91
N SER B 211 -27.58 3.26 2.35
CA SER B 211 -28.64 4.15 2.80
C SER B 211 -28.93 5.32 1.85
N TRP B 212 -27.94 5.71 1.04
CA TRP B 212 -28.14 6.80 0.09
C TRP B 212 -29.19 6.38 -0.92
N ARG B 213 -30.28 7.15 -1.01
CA ARG B 213 -31.36 6.81 -1.93
C ARG B 213 -32.00 8.00 -2.65
N VAL B 214 -32.54 8.93 -1.86
CA VAL B 214 -33.19 10.13 -2.40
C VAL B 214 -34.57 9.76 -2.97
N ASN B 215 -34.93 8.49 -2.82
CA ASN B 215 -36.22 7.96 -3.28
C ASN B 215 -36.48 8.07 -4.77
N ASP B 216 -37.26 7.12 -5.27
CA ASP B 216 -37.64 7.02 -6.69
C ASP B 216 -36.52 7.21 -7.70
N HIS B 217 -35.27 7.13 -7.24
CA HIS B 217 -34.11 7.30 -8.12
C HIS B 217 -33.07 6.22 -7.89
N LYS B 218 -32.72 5.54 -8.97
CA LYS B 218 -31.74 4.45 -8.93
C LYS B 218 -30.35 4.88 -9.37
N PHE B 219 -29.42 3.95 -9.33
CA PHE B 219 -28.07 4.20 -9.79
C PHE B 219 -27.96 3.72 -11.24
N THR B 220 -27.03 4.30 -11.98
CA THR B 220 -26.80 3.90 -13.36
C THR B 220 -26.20 2.50 -13.34
N PRO B 221 -26.55 1.65 -14.32
CA PRO B 221 -26.02 0.29 -14.38
C PRO B 221 -24.51 0.21 -14.16
N LEU B 222 -23.75 1.06 -14.84
CA LEU B 222 -22.31 1.06 -14.68
C LEU B 222 -21.95 1.21 -13.20
N LEU B 223 -22.58 2.16 -12.53
CA LEU B 223 -22.32 2.37 -11.11
C LEU B 223 -22.64 1.11 -10.28
N CYS B 224 -23.76 0.47 -10.59
CA CYS B 224 -24.12 -0.75 -9.89
C CYS B 224 -23.05 -1.82 -10.01
N GLU B 225 -22.33 -1.87 -11.14
CA GLU B 225 -21.29 -2.87 -11.35
C GLU B 225 -19.99 -2.59 -10.63
N ILE B 226 -19.46 -1.38 -10.72
CA ILE B 226 -18.21 -1.11 -10.03
C ILE B 226 -18.36 -0.75 -8.55
N TRP B 227 -19.56 -0.38 -8.16
CA TRP B 227 -19.80 -0.05 -6.76
C TRP B 227 -20.44 -1.26 -6.07
N ASP B 228 -21.60 -1.68 -6.57
CA ASP B 228 -22.35 -2.85 -6.08
C ASP B 228 -23.85 -2.71 -5.96
N VAL B 229 -24.36 -1.49 -5.80
CA VAL B 229 -25.79 -1.29 -5.68
C VAL B 229 -26.51 -1.89 -6.89
N GLU C 1 3.59 -25.83 -1.05
CA GLU C 1 3.38 -26.82 0.00
C GLU C 1 3.81 -26.31 1.37
N ASN C 2 4.92 -25.58 1.44
CA ASN C 2 5.41 -25.05 2.72
C ASN C 2 5.37 -26.07 3.88
N ALA C 3 5.89 -27.27 3.65
CA ALA C 3 5.85 -28.30 4.69
C ALA C 3 6.62 -27.94 5.94
N LEU C 4 7.75 -27.26 5.79
CA LEU C 4 8.53 -26.87 6.94
C LEU C 4 7.85 -25.79 7.77
N LEU C 5 7.36 -24.76 7.09
CA LEU C 5 6.67 -23.65 7.74
C LEU C 5 5.49 -24.17 8.54
N ARG C 6 4.67 -25.00 7.89
CA ARG C 6 3.52 -25.59 8.55
C ARG C 6 3.96 -26.21 9.86
N TYR C 7 4.94 -27.10 9.78
CA TYR C 7 5.45 -27.79 10.94
C TYR C 7 5.88 -26.86 12.07
N LEU C 8 6.40 -25.68 11.73
CA LEU C 8 6.84 -24.72 12.74
C LEU C 8 5.67 -23.96 13.38
N LEU C 9 4.53 -23.97 12.71
CA LEU C 9 3.34 -23.27 13.15
C LEU C 9 2.56 -24.15 14.11
N ASP C 10 2.45 -25.43 13.77
CA ASP C 10 1.77 -26.39 14.62
C ASP C 10 2.91 -26.65 15.60
N LYS C 11 2.72 -27.46 16.64
CA LYS C 11 3.80 -27.65 17.61
C LYS C 11 5.18 -27.32 17.04
N ASP C 12 5.81 -26.30 17.62
CA ASP C 12 7.12 -25.81 17.18
C ASP C 12 8.28 -26.81 17.32
N GLU D 1 -21.31 -11.51 -13.22
CA GLU D 1 -20.49 -11.06 -14.33
C GLU D 1 -20.70 -9.58 -14.57
N ASN D 2 -19.61 -8.83 -14.68
CA ASN D 2 -19.71 -7.39 -14.91
C ASN D 2 -19.66 -7.17 -16.43
N ALA D 3 -20.70 -7.64 -17.10
CA ALA D 3 -20.82 -7.54 -18.55
C ALA D 3 -20.50 -6.18 -19.12
N LEU D 4 -21.00 -5.12 -18.48
CA LEU D 4 -20.80 -3.77 -18.96
C LEU D 4 -19.37 -3.31 -18.76
N LEU D 5 -18.78 -3.73 -17.65
CA LEU D 5 -17.42 -3.34 -17.35
C LEU D 5 -16.45 -3.98 -18.37
N ARG D 6 -16.65 -5.26 -18.64
CA ARG D 6 -15.82 -5.99 -19.57
C ARG D 6 -15.83 -5.29 -20.93
N TYR D 7 -17.03 -4.98 -21.40
CA TYR D 7 -17.19 -4.31 -22.69
C TYR D 7 -16.36 -3.03 -22.78
N LEU D 8 -16.45 -2.19 -21.77
CA LEU D 8 -15.68 -0.95 -21.76
C LEU D 8 -14.17 -1.23 -21.82
N LEU D 9 -13.78 -2.43 -21.40
CA LEU D 9 -12.36 -2.80 -21.41
C LEU D 9 -11.89 -3.42 -22.74
N ASP D 10 -12.72 -4.27 -23.34
CA ASP D 10 -12.35 -4.92 -24.58
C ASP D 10 -12.85 -4.17 -25.83
N LYS D 11 -13.68 -3.17 -25.59
CA LYS D 11 -14.30 -2.31 -26.60
C LYS D 11 -13.40 -1.86 -27.75
N ASP D 12 -12.75 -0.72 -27.58
CA ASP D 12 -11.85 -0.12 -28.59
C ASP D 12 -11.25 1.19 -28.09
N GLU E 1 -24.19 14.23 -26.81
CA GLU E 1 -22.86 14.22 -27.42
C GLU E 1 -22.22 12.85 -27.34
N ASN E 2 -21.66 12.56 -26.17
CA ASN E 2 -21.01 11.28 -25.93
C ASN E 2 -22.10 10.22 -26.05
N ALA E 3 -22.18 9.56 -27.20
CA ALA E 3 -23.20 8.54 -27.41
C ALA E 3 -23.13 7.44 -26.36
N LEU E 4 -21.92 7.04 -26.00
CA LEU E 4 -21.73 5.99 -25.00
C LEU E 4 -22.28 6.42 -23.64
N LEU E 5 -21.84 7.58 -23.16
CA LEU E 5 -22.30 8.12 -21.88
C LEU E 5 -23.82 8.11 -21.87
N ARG E 6 -24.39 8.71 -22.89
CA ARG E 6 -25.83 8.80 -23.07
C ARG E 6 -26.46 7.45 -22.83
N TYR E 7 -25.77 6.39 -23.24
CA TYR E 7 -26.26 5.03 -23.03
C TYR E 7 -25.97 4.59 -21.60
N LEU E 8 -24.86 5.05 -21.04
CA LEU E 8 -24.48 4.69 -19.69
C LEU E 8 -25.36 5.43 -18.68
N LEU E 9 -25.83 6.62 -19.03
CA LEU E 9 -26.69 7.38 -18.12
C LEU E 9 -28.13 6.91 -18.16
N ASP E 10 -28.41 5.96 -19.03
CA ASP E 10 -29.76 5.42 -19.16
C ASP E 10 -30.00 4.22 -18.26
N LYS E 11 -31.14 4.24 -17.57
CA LYS E 11 -31.53 3.16 -16.68
C LYS E 11 -33.00 2.84 -16.88
N ASP E 12 -33.25 1.73 -17.57
CA ASP E 12 -34.61 1.27 -17.86
C ASP E 12 -35.14 0.49 -16.66
C1 CHC F . 20.08 -11.20 3.07
C2 CHC F . 18.61 -10.83 2.69
C3 CHC F . 18.61 -9.43 1.93
O3 CHC F . 17.32 -9.09 1.56
C4 CHC F . 19.22 -8.26 2.86
C5 CHC F . 20.74 -8.63 3.31
C6 CHC F . 21.42 -7.54 4.28
C7 CHC F . 20.75 -7.51 5.73
O7 CHC F . 19.36 -7.00 5.68
C8 CHC F . 20.74 -8.91 6.44
C9 CHC F . 19.97 -10.02 5.53
C10 CHC F . 20.76 -10.13 4.05
C11 CHC F . 19.95 -11.36 6.29
C12 CHC F . 19.23 -11.30 7.70
C13 CHC F . 19.97 -10.27 8.64
C14 CHC F . 20.02 -8.90 7.87
C15 CHC F . 20.60 -7.92 8.99
C16 CHC F . 19.66 -8.25 10.13
C17 CHC F . 19.18 -9.76 9.96
C18 CHC F . 21.46 -10.86 8.95
C19 CHC F . 22.17 -10.69 4.18
C20 CHC F . 19.40 -10.65 11.30
C21 CHC F . 18.85 -12.15 11.02
C22 CHC F . 18.67 -10.10 12.52
C23 CHC F . 18.90 -10.97 13.82
C24 CHC F . 18.26 -10.55 15.09
C25 CHC F . 21.70 -5.75 2.36
C26 CHC F . 21.19 -6.17 3.73
OT1 CHC F . 18.97 -9.98 15.93
OT2 CHC F . 17.04 -10.79 15.26
C1 CHC G . -20.44 9.90 -3.57
C2 CHC G . -19.35 8.80 -3.28
C3 CHC G . -18.62 9.11 -1.90
O3 CHC G . -17.64 8.16 -1.64
C4 CHC G . -17.95 10.58 -1.89
C5 CHC G . -19.08 11.73 -2.20
C6 CHC G . -18.50 13.21 -2.23
C7 CHC G . -17.49 13.43 -3.44
O7 CHC G . -16.22 12.68 -3.28
C8 CHC G . -18.15 13.10 -4.84
C9 CHC G . -18.71 11.57 -4.87
C10 CHC G . -19.84 11.37 -3.64
C11 CHC G . -19.31 11.28 -6.25
C12 CHC G . -18.30 11.47 -7.45
C13 CHC G . -17.72 12.93 -7.49
C14 CHC G . -17.13 13.24 -6.06
C15 CHC G . -16.44 14.66 -6.28
C16 CHC G . -15.62 14.34 -7.50
C17 CHC G . -16.36 13.20 -8.33
C18 CHC G . -18.94 13.96 -7.87
C19 CHC G . -21.10 12.19 -3.86
C20 CHC G . -16.55 13.59 -9.89
C21 CHC G . -17.29 12.39 -10.64
C22 CHC G . -15.20 13.85 -10.55
C23 CHC G . -15.29 14.26 -12.05
C24 CHC G . -14.00 14.50 -12.76
C25 CHC G . -18.37 13.56 0.39
C26 CHC G . -17.69 13.46 -0.98
OT1 CHC G . -13.76 15.67 -13.13
OT2 CHC G . -13.21 13.54 -12.97
#